data_6GRL
#
_entry.id   6GRL
#
_cell.length_a   141.184
_cell.length_b   35.774
_cell.length_c   53.050
_cell.angle_alpha   90.00
_cell.angle_beta   91.94
_cell.angle_gamma   90.00
#
_symmetry.space_group_name_H-M   'C 1 2 1'
#
loop_
_entity.id
_entity.type
_entity.pdbx_description
1 polymer 'Beta-hydroxyacid dehydrogenase, 3-hydroxyisobutyrate dehydrogenase'
2 water water
#
_entity_poly.entity_id   1
_entity_poly.type   'polypeptide(L)'
_entity_poly.pdbx_seq_one_letter_code
;MHHHHHHTTTATGTTGSLAADPVTVLGLGDMGSAIARAFVERGHRTTVWNRTASKCRPLVEAGASAAATPDEAVEASRFV
VVCLLDSAAVDEVLGSVTSSLAGKVLVNLTSGSPSQARSNERWARERGAEYLDGKIMGDPPDVGTSNVSLSFSGSRSAFD
AHEPILRELGGVAYHGEDAGLAAVEFLAQVAMGYELLIGFLHTLSVVHAEGVEVEAFAERVAGSVAAYPPLLTMMGKAIG
SGEYGPDLGSLRVQAALMDDLISHRESLGVEAVRMREVKELMDQRIADGHGGQGFSSLFELLTKR
;
_entity_poly.pdbx_strand_id   A
#
# COMPACT_ATOMS: atom_id res chain seq x y z
N SER A 17 -27.69 -13.12 -19.72
CA SER A 17 -26.87 -12.75 -20.88
C SER A 17 -26.27 -11.36 -20.71
N LEU A 18 -25.49 -11.17 -19.64
CA LEU A 18 -24.89 -9.89 -19.32
C LEU A 18 -23.44 -9.88 -19.80
N ALA A 19 -22.98 -8.71 -20.25
CA ALA A 19 -21.63 -8.55 -20.77
C ALA A 19 -20.58 -8.45 -19.68
N ALA A 20 -20.98 -8.42 -18.41
CA ALA A 20 -20.03 -8.39 -17.31
C ALA A 20 -19.71 -9.82 -16.87
N ASP A 21 -18.44 -10.06 -16.55
CA ASP A 21 -18.03 -11.40 -16.18
C ASP A 21 -18.52 -11.76 -14.78
N PRO A 22 -18.90 -13.01 -14.53
CA PRO A 22 -19.21 -13.42 -13.16
C PRO A 22 -18.00 -13.24 -12.25
N VAL A 23 -18.27 -12.86 -11.00
CA VAL A 23 -17.24 -12.59 -10.02
CA VAL A 23 -17.23 -12.61 -10.03
C VAL A 23 -17.62 -13.25 -8.70
N THR A 24 -16.64 -13.84 -8.02
CA THR A 24 -16.81 -14.37 -6.68
C THR A 24 -16.00 -13.51 -5.72
N VAL A 25 -16.62 -13.12 -4.60
CA VAL A 25 -15.95 -12.37 -3.55
C VAL A 25 -15.94 -13.22 -2.29
N LEU A 26 -14.75 -13.52 -1.78
CA LEU A 26 -14.58 -14.24 -0.53
C LEU A 26 -14.22 -13.25 0.55
N GLY A 27 -15.12 -13.07 1.52
CA GLY A 27 -14.89 -12.14 2.61
C GLY A 27 -15.81 -10.94 2.53
N LEU A 28 -16.64 -10.77 3.56
CA LEU A 28 -17.63 -9.69 3.57
C LEU A 28 -17.48 -8.82 4.81
N GLY A 29 -16.23 -8.49 5.15
CA GLY A 29 -15.99 -7.41 6.08
C GLY A 29 -16.38 -6.08 5.43
N ASP A 30 -15.98 -4.99 6.08
CA ASP A 30 -16.31 -3.68 5.56
C ASP A 30 -15.78 -3.49 4.15
N MET A 31 -14.51 -3.81 3.93
CA MET A 31 -13.93 -3.64 2.60
C MET A 31 -14.49 -4.67 1.61
N GLY A 32 -14.56 -5.94 2.03
CA GLY A 32 -15.07 -6.98 1.15
C GLY A 32 -16.50 -6.73 0.72
N SER A 33 -17.34 -6.23 1.64
CA SER A 33 -18.72 -5.90 1.28
C SER A 33 -18.76 -4.75 0.29
N ALA A 34 -17.90 -3.75 0.47
CA ALA A 34 -17.87 -2.62 -0.46
C ALA A 34 -17.40 -3.06 -1.84
N ILE A 35 -16.46 -4.00 -1.89
CA ILE A 35 -16.00 -4.52 -3.17
C ILE A 35 -17.10 -5.33 -3.84
N ALA A 36 -17.76 -6.20 -3.08
CA ALA A 36 -18.87 -6.97 -3.63
C ALA A 36 -19.98 -6.07 -4.13
N ARG A 37 -20.29 -5.01 -3.36
CA ARG A 37 -21.32 -4.06 -3.79
C ARG A 37 -20.95 -3.41 -5.11
N ALA A 38 -19.68 -3.01 -5.27
CA ALA A 38 -19.25 -2.37 -6.50
C ALA A 38 -19.44 -3.28 -7.71
N PHE A 39 -19.13 -4.57 -7.55
CA PHE A 39 -19.31 -5.51 -8.64
C PHE A 39 -20.79 -5.74 -8.94
N VAL A 40 -21.62 -5.84 -7.89
CA VAL A 40 -23.06 -6.02 -8.09
C VAL A 40 -23.64 -4.85 -8.86
N GLU A 41 -23.26 -3.62 -8.48
CA GLU A 41 -23.80 -2.43 -9.12
C GLU A 41 -23.34 -2.28 -10.56
N ARG A 42 -22.25 -2.96 -10.95
CA ARG A 42 -21.75 -2.91 -12.31
CA ARG A 42 -21.75 -2.91 -12.31
C ARG A 42 -22.32 -4.03 -13.19
N GLY A 43 -23.29 -4.78 -12.69
CA GLY A 43 -23.95 -5.81 -13.48
C GLY A 43 -23.31 -7.18 -13.42
N HIS A 44 -22.24 -7.36 -12.66
CA HIS A 44 -21.61 -8.66 -12.56
C HIS A 44 -22.49 -9.64 -11.79
N ARG A 45 -22.63 -10.85 -12.32
CA ARG A 45 -23.23 -11.94 -11.56
CA ARG A 45 -23.23 -11.94 -11.55
C ARG A 45 -22.29 -12.27 -10.41
N THR A 46 -22.58 -11.71 -9.23
CA THR A 46 -21.66 -11.75 -8.10
C THR A 46 -22.09 -12.81 -7.08
N THR A 47 -21.16 -13.69 -6.73
CA THR A 47 -21.37 -14.70 -5.70
C THR A 47 -20.48 -14.38 -4.51
N VAL A 48 -21.07 -14.36 -3.32
CA VAL A 48 -20.36 -13.93 -2.13
C VAL A 48 -20.35 -15.06 -1.11
N TRP A 49 -19.31 -15.04 -0.26
CA TRP A 49 -19.18 -15.95 0.85
C TRP A 49 -18.52 -15.21 2.01
N ASN A 50 -18.93 -15.57 3.23
CA ASN A 50 -18.34 -15.02 4.44
C ASN A 50 -18.37 -16.09 5.52
N ARG A 51 -17.35 -16.09 6.37
CA ARG A 51 -17.30 -17.03 7.49
C ARG A 51 -18.56 -16.95 8.33
N THR A 52 -19.02 -15.73 8.62
CA THR A 52 -20.33 -15.50 9.23
C THR A 52 -21.34 -15.33 8.09
N ALA A 53 -22.17 -16.35 7.88
CA ALA A 53 -23.03 -16.38 6.69
C ALA A 53 -24.05 -15.25 6.69
N SER A 54 -24.43 -14.75 7.86
CA SER A 54 -25.44 -13.71 7.94
C SER A 54 -25.01 -12.41 7.26
N LYS A 55 -23.71 -12.17 7.15
CA LYS A 55 -23.22 -10.96 6.50
C LYS A 55 -23.48 -10.96 5.00
N CYS A 56 -23.88 -12.09 4.42
CA CYS A 56 -24.24 -12.13 3.01
C CYS A 56 -25.59 -11.50 2.73
N ARG A 57 -26.46 -11.40 3.73
CA ARG A 57 -27.84 -10.97 3.50
C ARG A 57 -27.94 -9.59 2.84
N PRO A 58 -27.22 -8.55 3.29
CA PRO A 58 -27.34 -7.25 2.59
C PRO A 58 -26.82 -7.32 1.16
N LEU A 59 -25.79 -8.12 0.89
CA LEU A 59 -25.30 -8.25 -0.47
C LEU A 59 -26.30 -8.98 -1.36
N VAL A 60 -26.95 -10.01 -0.82
CA VAL A 60 -27.96 -10.74 -1.59
C VAL A 60 -29.14 -9.85 -1.92
N GLU A 61 -29.56 -9.00 -0.96
CA GLU A 61 -30.64 -8.06 -1.24
C GLU A 61 -30.25 -7.08 -2.33
N ALA A 62 -28.98 -6.73 -2.43
CA ALA A 62 -28.52 -5.81 -3.47
C ALA A 62 -28.46 -6.48 -4.84
N GLY A 63 -28.48 -7.80 -4.90
CA GLY A 63 -28.49 -8.49 -6.18
C GLY A 63 -27.48 -9.62 -6.29
N ALA A 64 -26.67 -9.83 -5.25
CA ALA A 64 -25.69 -10.89 -5.27
C ALA A 64 -26.34 -12.23 -4.92
N SER A 65 -25.57 -13.30 -5.14
CA SER A 65 -25.96 -14.64 -4.71
C SER A 65 -24.98 -15.11 -3.64
N ALA A 66 -25.49 -15.82 -2.64
CA ALA A 66 -24.67 -16.30 -1.56
C ALA A 66 -24.25 -17.75 -1.80
N ALA A 67 -23.15 -18.15 -1.17
CA ALA A 67 -22.64 -19.51 -1.22
C ALA A 67 -22.38 -19.98 0.20
N ALA A 68 -22.65 -21.27 0.45
CA ALA A 68 -22.51 -21.80 1.81
C ALA A 68 -21.06 -22.10 2.16
N THR A 69 -20.24 -22.49 1.19
CA THR A 69 -18.85 -22.87 1.39
C THR A 69 -17.98 -22.12 0.40
N PRO A 70 -16.69 -21.95 0.71
CA PRO A 70 -15.77 -21.39 -0.29
C PRO A 70 -15.72 -22.21 -1.57
N ASP A 71 -15.88 -23.53 -1.47
CA ASP A 71 -15.93 -24.36 -2.67
C ASP A 71 -17.08 -23.96 -3.57
N GLU A 72 -18.29 -23.85 -3.00
CA GLU A 72 -19.44 -23.41 -3.78
C GLU A 72 -19.22 -22.01 -4.36
N ALA A 73 -18.52 -21.15 -3.62
CA ALA A 73 -18.31 -19.79 -4.11
C ALA A 73 -17.37 -19.76 -5.30
N VAL A 74 -16.26 -20.48 -5.23
CA VAL A 74 -15.30 -20.43 -6.32
C VAL A 74 -15.82 -21.17 -7.55
N GLU A 75 -16.71 -22.14 -7.36
CA GLU A 75 -17.28 -22.85 -8.50
C GLU A 75 -18.22 -21.97 -9.33
N ALA A 76 -18.62 -20.81 -8.82
CA ALA A 76 -19.59 -19.98 -9.50
C ALA A 76 -18.97 -19.08 -10.57
N SER A 77 -17.67 -18.80 -10.50
CA SER A 77 -17.06 -17.85 -11.42
CA SER A 77 -17.06 -17.82 -11.39
C SER A 77 -15.62 -18.21 -11.69
N ARG A 78 -15.10 -17.68 -12.80
CA ARG A 78 -13.68 -17.81 -13.11
C ARG A 78 -12.85 -16.76 -12.37
N PHE A 79 -13.45 -15.62 -12.07
CA PHE A 79 -12.76 -14.49 -11.43
C PHE A 79 -13.09 -14.51 -9.94
N VAL A 80 -12.07 -14.74 -9.11
CA VAL A 80 -12.25 -14.88 -7.66
C VAL A 80 -11.46 -13.79 -6.98
N VAL A 81 -12.14 -12.95 -6.20
CA VAL A 81 -11.53 -11.85 -5.44
C VAL A 81 -11.54 -12.22 -3.96
N VAL A 82 -10.38 -12.14 -3.32
CA VAL A 82 -10.21 -12.51 -1.92
C VAL A 82 -9.96 -11.23 -1.13
N CYS A 83 -10.88 -10.93 -0.19
CA CYS A 83 -10.77 -9.75 0.67
CA CYS A 83 -10.77 -9.75 0.67
C CYS A 83 -11.14 -10.18 2.10
N LEU A 84 -10.16 -10.73 2.81
CA LEU A 84 -10.34 -11.22 4.16
C LEU A 84 -9.60 -10.34 5.15
N LEU A 85 -9.52 -10.79 6.40
CA LEU A 85 -8.95 -9.97 7.46
C LEU A 85 -7.44 -9.84 7.31
N ASP A 86 -6.74 -10.96 7.19
CA ASP A 86 -5.29 -10.94 7.09
C ASP A 86 -4.84 -12.19 6.33
N SER A 87 -3.52 -12.38 6.26
CA SER A 87 -2.98 -13.51 5.51
C SER A 87 -3.35 -14.84 6.14
N ALA A 88 -3.45 -14.89 7.47
CA ALA A 88 -3.84 -16.14 8.13
C ALA A 88 -5.26 -16.54 7.74
N ALA A 89 -6.15 -15.56 7.57
CA ALA A 89 -7.52 -15.86 7.14
C ALA A 89 -7.54 -16.37 5.71
N VAL A 90 -6.67 -15.83 4.85
CA VAL A 90 -6.61 -16.30 3.46
C VAL A 90 -6.16 -17.74 3.41
N ASP A 91 -5.17 -18.11 4.22
CA ASP A 91 -4.69 -19.49 4.24
C ASP A 91 -5.78 -20.45 4.69
N GLU A 92 -6.59 -20.05 5.67
CA GLU A 92 -7.63 -20.93 6.17
C GLU A 92 -8.75 -21.11 5.15
N VAL A 93 -9.15 -20.03 4.49
CA VAL A 93 -10.26 -20.10 3.54
C VAL A 93 -9.86 -20.86 2.29
N LEU A 94 -8.72 -20.48 1.70
CA LEU A 94 -8.28 -21.16 0.48
C LEU A 94 -7.88 -22.60 0.76
N GLY A 95 -7.41 -22.89 1.98
CA GLY A 95 -7.10 -24.26 2.35
C GLY A 95 -8.31 -25.17 2.42
N SER A 96 -9.49 -24.60 2.62
CA SER A 96 -10.73 -25.36 2.68
C SER A 96 -11.30 -25.65 1.29
N VAL A 97 -10.65 -25.17 0.23
CA VAL A 97 -11.15 -25.37 -1.12
C VAL A 97 -10.76 -26.76 -1.59
N THR A 98 -11.76 -27.54 -2.02
CA THR A 98 -11.53 -28.87 -2.57
C THR A 98 -11.84 -28.94 -4.06
N SER A 99 -12.37 -27.87 -4.64
CA SER A 99 -12.69 -27.84 -6.06
CA SER A 99 -12.69 -27.84 -6.06
C SER A 99 -11.50 -27.33 -6.87
N SER A 100 -11.50 -27.68 -8.16
CA SER A 100 -10.42 -27.27 -9.04
C SER A 100 -10.44 -25.76 -9.26
N LEU A 101 -9.27 -25.15 -9.22
CA LEU A 101 -9.10 -23.74 -9.55
C LEU A 101 -8.42 -23.54 -10.90
N ALA A 102 -8.27 -24.61 -11.68
CA ALA A 102 -7.58 -24.51 -12.96
C ALA A 102 -8.34 -23.58 -13.90
N GLY A 103 -7.59 -22.69 -14.56
CA GLY A 103 -8.18 -21.73 -15.47
C GLY A 103 -8.81 -20.52 -14.81
N LYS A 104 -8.80 -20.45 -13.48
CA LYS A 104 -9.37 -19.31 -12.78
C LYS A 104 -8.32 -18.21 -12.59
N VAL A 105 -8.79 -17.03 -12.20
CA VAL A 105 -7.95 -15.89 -11.88
C VAL A 105 -8.25 -15.52 -10.43
N LEU A 106 -7.23 -15.57 -9.58
CA LEU A 106 -7.38 -15.24 -8.16
C LEU A 106 -6.77 -13.86 -7.93
N VAL A 107 -7.59 -12.93 -7.44
CA VAL A 107 -7.16 -11.57 -7.14
C VAL A 107 -7.25 -11.39 -5.64
N ASN A 108 -6.09 -11.34 -4.98
CA ASN A 108 -6.02 -11.23 -3.52
CA ASN A 108 -6.00 -11.23 -3.53
C ASN A 108 -5.82 -9.76 -3.16
N LEU A 109 -6.82 -9.19 -2.49
CA LEU A 109 -6.78 -7.80 -2.02
C LEU A 109 -6.58 -7.72 -0.51
N THR A 110 -6.21 -8.83 0.12
CA THR A 110 -6.03 -8.86 1.57
C THR A 110 -4.63 -8.35 1.93
N SER A 111 -4.56 -7.67 3.07
CA SER A 111 -3.27 -7.22 3.58
C SER A 111 -2.33 -8.40 3.79
N GLY A 112 -1.04 -8.12 3.71
CA GLY A 112 -0.05 -9.17 3.88
C GLY A 112 1.32 -8.72 3.42
N SER A 113 2.29 -9.61 3.61
CA SER A 113 3.68 -9.35 3.34
C SER A 113 4.03 -9.68 1.89
N PRO A 114 5.14 -9.14 1.39
CA PRO A 114 5.59 -9.54 0.04
C PRO A 114 5.87 -11.02 -0.08
N SER A 115 6.44 -11.63 0.96
CA SER A 115 6.71 -13.06 0.93
CA SER A 115 6.71 -13.06 0.93
C SER A 115 5.41 -13.86 0.85
N GLN A 116 4.38 -13.42 1.58
CA GLN A 116 3.10 -14.13 1.53
C GLN A 116 2.46 -14.02 0.16
N ALA A 117 2.55 -12.85 -0.48
CA ALA A 117 2.00 -12.71 -1.83
C ALA A 117 2.72 -13.62 -2.81
N ARG A 118 4.04 -13.74 -2.68
CA ARG A 118 4.81 -14.63 -3.56
C ARG A 118 4.44 -16.08 -3.30
N SER A 119 4.21 -16.44 -2.03
CA SER A 119 3.77 -17.80 -1.71
CA SER A 119 3.77 -17.80 -1.71
C SER A 119 2.38 -18.07 -2.28
N ASN A 120 1.48 -17.09 -2.20
CA ASN A 120 0.14 -17.25 -2.75
C ASN A 120 0.19 -17.49 -4.26
N GLU A 121 1.09 -16.79 -4.96
CA GLU A 121 1.22 -16.99 -6.40
C GLU A 121 1.64 -18.42 -6.73
N ARG A 122 2.61 -18.95 -5.98
CA ARG A 122 3.03 -20.33 -6.21
C ARG A 122 1.91 -21.31 -5.90
N TRP A 123 1.16 -21.05 -4.82
CA TRP A 123 0.02 -21.88 -4.47
C TRP A 123 -1.01 -21.92 -5.61
N ALA A 124 -1.30 -20.76 -6.18
CA ALA A 124 -2.26 -20.70 -7.28
C ALA A 124 -1.70 -21.38 -8.54
N ARG A 125 -0.42 -21.17 -8.83
CA ARG A 125 0.16 -21.74 -10.04
C ARG A 125 0.16 -23.26 -9.99
N GLU A 126 0.48 -23.85 -8.83
CA GLU A 126 0.42 -25.30 -8.68
C GLU A 126 -0.96 -25.85 -8.97
N ARG A 127 -2.00 -25.02 -8.86
CA ARG A 127 -3.38 -25.42 -9.11
C ARG A 127 -3.90 -24.94 -10.45
N GLY A 128 -3.05 -24.34 -11.28
CA GLY A 128 -3.45 -23.93 -12.60
C GLY A 128 -4.19 -22.62 -12.67
N ALA A 129 -4.10 -21.79 -11.63
CA ALA A 129 -4.77 -20.50 -11.59
C ALA A 129 -3.75 -19.38 -11.73
N GLU A 130 -4.19 -18.30 -12.38
CA GLU A 130 -3.41 -17.07 -12.39
C GLU A 130 -3.65 -16.30 -11.10
N TYR A 131 -2.68 -15.46 -10.75
CA TYR A 131 -2.71 -14.78 -9.46
C TYR A 131 -2.31 -13.33 -9.61
N LEU A 132 -3.11 -12.44 -9.03
CA LEU A 132 -2.77 -11.03 -8.90
C LEU A 132 -2.89 -10.64 -7.44
N ASP A 133 -1.89 -9.93 -6.94
CA ASP A 133 -1.92 -9.40 -5.58
C ASP A 133 -2.23 -7.92 -5.65
N GLY A 134 -3.21 -7.48 -4.86
CA GLY A 134 -3.61 -6.10 -4.83
C GLY A 134 -3.62 -5.54 -3.43
N LYS A 135 -3.34 -4.24 -3.33
CA LYS A 135 -3.38 -3.52 -2.07
C LYS A 135 -4.18 -2.24 -2.26
N ILE A 136 -5.08 -1.97 -1.31
CA ILE A 136 -6.06 -0.89 -1.44
C ILE A 136 -5.64 0.28 -0.58
N MET A 137 -5.69 1.49 -1.17
CA MET A 137 -5.53 2.74 -0.44
C MET A 137 -6.87 3.46 -0.46
N GLY A 138 -7.47 3.61 0.70
CA GLY A 138 -8.75 4.27 0.84
C GLY A 138 -9.69 3.49 1.73
N ASP A 139 -10.87 4.11 1.98
CA ASP A 139 -11.88 3.59 2.88
C ASP A 139 -12.98 2.86 2.11
N PRO A 140 -13.59 1.86 2.73
CA PRO A 140 -14.64 1.08 2.06
C PRO A 140 -15.76 1.94 1.50
N PRO A 141 -16.23 2.98 2.22
CA PRO A 141 -17.30 3.81 1.62
C PRO A 141 -16.90 4.50 0.32
N ASP A 142 -15.61 4.56 0.00
CA ASP A 142 -15.13 5.23 -1.21
C ASP A 142 -14.79 4.26 -2.33
N VAL A 143 -15.05 2.96 -2.14
CA VAL A 143 -14.76 1.99 -3.20
C VAL A 143 -15.62 2.30 -4.41
N GLY A 144 -15.02 2.22 -5.59
CA GLY A 144 -15.70 2.54 -6.82
C GLY A 144 -15.64 4.01 -7.21
N THR A 145 -14.90 4.83 -6.46
CA THR A 145 -14.76 6.25 -6.74
C THR A 145 -13.27 6.58 -6.89
N SER A 146 -13.00 7.86 -7.19
CA SER A 146 -11.64 8.34 -7.38
C SER A 146 -10.89 8.49 -6.07
N ASN A 147 -11.52 8.25 -4.92
CA ASN A 147 -10.86 8.36 -3.63
C ASN A 147 -10.36 7.02 -3.11
N VAL A 148 -10.33 6.00 -3.97
CA VAL A 148 -9.71 4.71 -3.65
C VAL A 148 -8.75 4.38 -4.79
N SER A 149 -7.53 3.97 -4.42
CA SER A 149 -6.53 3.55 -5.39
C SER A 149 -6.05 2.15 -5.04
N LEU A 150 -5.71 1.38 -6.07
CA LEU A 150 -5.30 -0.01 -5.91
C LEU A 150 -3.99 -0.24 -6.63
N SER A 151 -3.06 -0.92 -5.96
CA SER A 151 -1.78 -1.31 -6.54
C SER A 151 -1.80 -2.82 -6.78
N PHE A 152 -1.31 -3.24 -7.94
CA PHE A 152 -1.34 -4.65 -8.32
C PHE A 152 0.04 -5.12 -8.76
N SER A 153 0.31 -6.39 -8.50
CA SER A 153 1.53 -7.03 -8.98
C SER A 153 1.22 -8.49 -9.29
N GLY A 154 2.04 -9.08 -10.16
CA GLY A 154 1.84 -10.43 -10.63
C GLY A 154 1.99 -10.47 -12.13
N SER A 155 1.42 -11.52 -12.74
CA SER A 155 1.54 -11.72 -14.17
CA SER A 155 1.54 -11.72 -14.17
C SER A 155 0.96 -10.52 -14.93
N ARG A 156 1.76 -9.98 -15.85
CA ARG A 156 1.32 -8.82 -16.62
C ARG A 156 0.15 -9.17 -17.53
N SER A 157 0.15 -10.39 -18.09
CA SER A 157 -0.93 -10.79 -18.98
C SER A 157 -2.26 -10.86 -18.23
N ALA A 158 -2.23 -11.34 -16.98
CA ALA A 158 -3.46 -11.40 -16.19
C ALA A 158 -3.95 -10.00 -15.82
N PHE A 159 -3.03 -9.08 -15.55
CA PHE A 159 -3.43 -7.72 -15.24
C PHE A 159 -4.04 -7.03 -16.46
N ASP A 160 -3.39 -7.16 -17.61
CA ASP A 160 -3.86 -6.49 -18.82
C ASP A 160 -5.25 -6.99 -19.22
N ALA A 161 -5.49 -8.30 -19.10
CA ALA A 161 -6.77 -8.87 -19.52
C ALA A 161 -7.91 -8.48 -18.59
N HIS A 162 -7.62 -8.16 -17.32
CA HIS A 162 -8.67 -7.89 -16.35
C HIS A 162 -8.60 -6.48 -15.78
N GLU A 163 -7.75 -5.62 -16.33
CA GLU A 163 -7.67 -4.24 -15.83
C GLU A 163 -9.00 -3.50 -15.85
N PRO A 164 -9.85 -3.61 -16.88
CA PRO A 164 -11.15 -2.92 -16.80
C PRO A 164 -12.02 -3.37 -15.64
N ILE A 165 -11.93 -4.62 -15.24
CA ILE A 165 -12.68 -5.08 -14.07
C ILE A 165 -12.11 -4.49 -12.80
N LEU A 166 -10.78 -4.44 -12.69
CA LEU A 166 -10.13 -3.91 -11.50
C LEU A 166 -10.42 -2.42 -11.33
N ARG A 167 -10.47 -1.68 -12.44
CA ARG A 167 -10.69 -0.24 -12.33
C ARG A 167 -12.12 0.11 -11.93
N GLU A 168 -13.01 -0.87 -11.89
CA GLU A 168 -14.35 -0.64 -11.32
C GLU A 168 -14.30 -0.39 -9.83
N LEU A 169 -13.19 -0.71 -9.17
CA LEU A 169 -13.05 -0.49 -7.74
C LEU A 169 -12.38 0.83 -7.41
N GLY A 170 -11.73 1.46 -8.38
CA GLY A 170 -11.02 2.71 -8.15
C GLY A 170 -9.86 2.83 -9.11
N GLY A 171 -8.98 3.77 -8.81
CA GLY A 171 -7.75 3.91 -9.59
C GLY A 171 -6.85 2.70 -9.41
N VAL A 172 -6.26 2.25 -10.50
N VAL A 172 -6.20 2.29 -10.50
CA VAL A 172 -5.40 1.07 -10.49
CA VAL A 172 -5.44 1.04 -10.54
C VAL A 172 -4.03 1.45 -11.03
C VAL A 172 -4.08 1.30 -11.17
N ALA A 173 -3.03 0.68 -10.60
CA ALA A 173 -1.67 0.81 -11.10
C ALA A 173 -0.99 -0.55 -10.99
N TYR A 174 -0.18 -0.87 -11.99
CA TYR A 174 0.55 -2.14 -12.05
C TYR A 174 2.02 -1.88 -11.72
N HIS A 175 2.60 -2.75 -10.89
CA HIS A 175 3.93 -2.52 -10.37
C HIS A 175 4.99 -3.50 -10.87
N GLY A 176 4.61 -4.63 -11.42
CA GLY A 176 5.58 -5.54 -12.00
C GLY A 176 5.17 -6.98 -11.85
N GLU A 177 6.03 -7.86 -12.39
CA GLU A 177 5.74 -9.29 -12.41
C GLU A 177 5.91 -9.92 -11.04
N ASP A 178 6.87 -9.45 -10.24
CA ASP A 178 7.06 -9.95 -8.89
C ASP A 178 5.78 -9.78 -8.09
N ALA A 179 5.18 -10.91 -7.69
CA ALA A 179 3.88 -10.88 -7.03
C ALA A 179 3.90 -10.09 -5.73
N GLY A 180 5.06 -9.93 -5.11
CA GLY A 180 5.15 -9.19 -3.87
C GLY A 180 5.31 -7.69 -3.99
N LEU A 181 5.34 -7.14 -5.20
CA LEU A 181 5.65 -5.72 -5.37
C LEU A 181 4.55 -4.82 -4.84
N ALA A 182 3.29 -5.23 -4.97
CA ALA A 182 2.21 -4.41 -4.43
C ALA A 182 2.29 -4.34 -2.91
N ALA A 183 2.67 -5.45 -2.27
CA ALA A 183 2.87 -5.43 -0.82
C ALA A 183 4.07 -4.58 -0.44
N VAL A 184 5.13 -4.61 -1.25
CA VAL A 184 6.28 -3.73 -1.01
C VAL A 184 5.86 -2.27 -1.07
N GLU A 185 5.10 -1.92 -2.12
CA GLU A 185 4.64 -0.54 -2.28
C GLU A 185 3.80 -0.09 -1.09
N PHE A 186 2.87 -0.95 -0.65
CA PHE A 186 1.99 -0.58 0.45
C PHE A 186 2.77 -0.37 1.74
N LEU A 187 3.59 -1.35 2.13
CA LEU A 187 4.31 -1.26 3.39
C LEU A 187 5.31 -0.10 3.38
N ALA A 188 5.93 0.17 2.23
CA ALA A 188 6.89 1.27 2.16
C ALA A 188 6.18 2.62 2.27
N GLN A 189 5.06 2.79 1.58
CA GLN A 189 4.33 4.06 1.66
C GLN A 189 3.81 4.29 3.07
N VAL A 190 3.32 3.23 3.72
CA VAL A 190 2.83 3.37 5.09
C VAL A 190 3.97 3.70 6.04
N ALA A 191 5.12 3.03 5.88
CA ALA A 191 6.27 3.33 6.72
C ALA A 191 6.71 4.77 6.56
N MET A 192 6.77 5.27 5.32
CA MET A 192 7.11 6.66 5.08
C MET A 192 6.16 7.60 5.81
N GLY A 193 4.87 7.27 5.80
CA GLY A 193 3.91 8.09 6.53
C GLY A 193 4.18 8.12 8.02
N TYR A 194 4.54 6.98 8.59
CA TYR A 194 4.83 6.94 10.02
C TYR A 194 6.15 7.63 10.35
N GLU A 195 7.12 7.60 9.43
CA GLU A 195 8.33 8.41 9.61
C GLU A 195 7.96 9.89 9.72
N LEU A 196 7.09 10.35 8.82
CA LEU A 196 6.63 11.74 8.86
C LEU A 196 5.88 12.04 10.14
N LEU A 197 5.00 11.11 10.56
CA LEU A 197 4.08 11.41 11.66
C LEU A 197 4.81 11.42 13.00
N ILE A 198 5.77 10.52 13.21
CA ILE A 198 6.49 10.51 14.47
C ILE A 198 7.46 11.70 14.54
N GLY A 199 8.06 12.07 13.40
CA GLY A 199 8.83 13.30 13.37
C GLY A 199 7.97 14.52 13.63
N PHE A 200 6.72 14.48 13.18
CA PHE A 200 5.77 15.55 13.45
C PHE A 200 5.52 15.69 14.94
N LEU A 201 5.28 14.57 15.63
CA LEU A 201 5.02 14.62 17.06
C LEU A 201 6.22 15.17 17.83
N HIS A 202 7.42 14.69 17.49
CA HIS A 202 8.62 15.20 18.17
C HIS A 202 8.82 16.69 17.91
N THR A 203 8.47 17.16 16.71
CA THR A 203 8.55 18.58 16.43
C THR A 203 7.57 19.37 17.30
N LEU A 204 6.37 18.82 17.51
CA LEU A 204 5.42 19.46 18.42
C LEU A 204 5.99 19.51 19.83
N SER A 205 6.75 18.49 20.23
CA SER A 205 7.38 18.51 21.55
C SER A 205 8.34 19.68 21.68
N VAL A 206 9.06 20.00 20.61
CA VAL A 206 10.01 21.11 20.65
C VAL A 206 9.29 22.44 20.88
N VAL A 207 8.25 22.70 20.09
CA VAL A 207 7.57 23.99 20.18
C VAL A 207 6.76 24.09 21.46
N HIS A 208 6.28 22.97 21.98
CA HIS A 208 5.54 23.01 23.24
C HIS A 208 6.44 23.42 24.39
N ALA A 209 7.68 22.92 24.41
CA ALA A 209 8.63 23.31 25.44
C ALA A 209 8.99 24.79 25.36
N GLU A 210 8.76 25.41 24.21
CA GLU A 210 9.04 26.83 24.02
C GLU A 210 7.81 27.71 24.24
N GLY A 211 6.67 27.12 24.58
CA GLY A 211 5.46 27.89 24.84
C GLY A 211 4.62 28.18 23.62
N VAL A 212 4.83 27.46 22.51
CA VAL A 212 4.07 27.67 21.29
C VAL A 212 2.83 26.80 21.32
N GLU A 213 1.70 27.37 20.88
CA GLU A 213 0.47 26.61 20.78
C GLU A 213 0.61 25.56 19.68
N VAL A 214 0.36 24.30 20.01
CA VAL A 214 0.66 23.21 19.09
C VAL A 214 -0.35 23.14 17.95
N GLU A 215 -1.61 23.48 18.23
CA GLU A 215 -2.64 23.34 17.19
C GLU A 215 -2.38 24.29 16.02
N ALA A 216 -2.09 25.55 16.32
CA ALA A 216 -1.78 26.51 15.25
C ALA A 216 -0.47 26.16 14.55
N PHE A 217 0.52 25.69 15.32
CA PHE A 217 1.80 25.31 14.73
C PHE A 217 1.65 24.12 13.80
N ALA A 218 0.77 23.17 14.17
CA ALA A 218 0.54 22.00 13.32
C ALA A 218 -0.01 22.41 11.95
N GLU A 219 -0.88 23.42 11.93
CA GLU A 219 -1.40 23.91 10.66
C GLU A 219 -0.31 24.58 9.83
N ARG A 220 0.65 25.24 10.49
CA ARG A 220 1.77 25.82 9.77
C ARG A 220 2.71 24.74 9.24
N VAL A 221 2.87 23.64 9.99
CA VAL A 221 3.63 22.50 9.50
C VAL A 221 2.97 21.92 8.25
N ALA A 222 1.63 21.87 8.25
CA ALA A 222 0.91 21.33 7.10
C ALA A 222 1.23 22.09 5.82
N GLY A 223 1.32 23.43 5.91
CA GLY A 223 1.69 24.21 4.75
C GLY A 223 3.11 23.98 4.30
N SER A 224 4.02 23.73 5.25
CA SER A 224 5.41 23.46 4.90
C SER A 224 5.56 22.10 4.23
N VAL A 225 4.83 21.09 4.73
CA VAL A 225 4.94 19.75 4.18
C VAL A 225 4.45 19.71 2.74
N ALA A 226 3.48 20.57 2.40
CA ALA A 226 2.93 20.59 1.04
C ALA A 226 3.97 20.95 -0.01
N ALA A 227 5.06 21.61 0.38
CA ALA A 227 6.10 22.01 -0.56
C ALA A 227 7.20 20.98 -0.74
N TYR A 228 7.06 19.80 -0.12
CA TYR A 228 8.10 18.78 -0.16
C TYR A 228 7.95 17.75 -1.28
N PRO A 229 6.75 17.42 -1.75
CA PRO A 229 6.62 16.48 -2.88
C PRO A 229 7.51 16.85 -4.06
N PRO A 230 7.56 18.12 -4.49
CA PRO A 230 8.48 18.44 -5.59
C PRO A 230 9.94 18.22 -5.22
N LEU A 231 10.30 18.34 -3.94
CA LEU A 231 11.67 18.08 -3.52
C LEU A 231 11.97 16.60 -3.47
N LEU A 232 10.99 15.78 -3.08
CA LEU A 232 11.20 14.34 -3.02
C LEU A 232 11.40 13.75 -4.40
N THR A 233 10.64 14.22 -5.39
CA THR A 233 10.81 13.72 -6.76
C THR A 233 12.19 14.06 -7.29
N MET A 234 12.68 15.26 -7.01
CA MET A 234 14.01 15.66 -7.47
C MET A 234 15.10 14.82 -6.81
N MET A 235 14.96 14.55 -5.51
CA MET A 235 15.95 13.73 -4.82
C MET A 235 15.99 12.31 -5.38
N GLY A 236 14.82 11.77 -5.73
CA GLY A 236 14.79 10.46 -6.35
C GLY A 236 15.48 10.44 -7.71
N LYS A 237 15.39 11.54 -8.45
CA LYS A 237 16.08 11.62 -9.73
C LYS A 237 17.59 11.71 -9.55
N ALA A 238 18.03 12.46 -8.54
CA ALA A 238 19.46 12.56 -8.26
C ALA A 238 20.03 11.23 -7.79
N ILE A 239 19.27 10.50 -6.97
CA ILE A 239 19.73 9.20 -6.48
C ILE A 239 19.76 8.18 -7.61
N GLY A 240 18.73 8.17 -8.46
CA GLY A 240 18.69 7.21 -9.55
C GLY A 240 19.78 7.41 -10.58
N SER A 241 20.27 8.64 -10.73
CA SER A 241 21.30 8.95 -11.70
C SER A 241 22.70 9.06 -11.11
N GLY A 242 22.81 9.27 -9.79
CA GLY A 242 24.10 9.45 -9.16
C GLY A 242 24.66 10.84 -9.25
N GLU A 243 23.94 11.78 -9.85
CA GLU A 243 24.38 13.17 -9.95
C GLU A 243 23.83 13.92 -8.74
N TYR A 244 24.69 14.19 -7.77
CA TYR A 244 24.30 14.81 -6.51
C TYR A 244 24.77 16.26 -6.48
N GLY A 245 23.87 17.15 -6.07
CA GLY A 245 24.18 18.56 -5.94
C GLY A 245 23.60 19.14 -4.67
N PRO A 246 23.93 20.40 -4.39
CA PRO A 246 23.43 21.04 -3.17
C PRO A 246 21.93 21.32 -3.24
N ASP A 247 21.12 20.33 -2.85
CA ASP A 247 19.67 20.49 -2.92
C ASP A 247 19.19 21.55 -1.92
N LEU A 248 19.39 21.30 -0.63
CA LEU A 248 19.09 22.27 0.42
C LEU A 248 20.35 22.99 0.88
N GLY A 249 21.19 23.41 -0.06
CA GLY A 249 22.51 23.91 0.24
C GLY A 249 23.54 22.80 0.32
N SER A 250 24.80 23.21 0.38
CA SER A 250 25.88 22.25 0.50
C SER A 250 25.79 21.51 1.83
N LEU A 251 26.34 20.29 1.86
CA LEU A 251 26.31 19.50 3.09
C LEU A 251 27.06 20.18 4.21
N ARG A 252 28.07 20.98 3.89
CA ARG A 252 28.79 21.72 4.93
CA ARG A 252 28.78 21.72 4.93
C ARG A 252 27.87 22.72 5.61
N VAL A 253 27.02 23.41 4.84
CA VAL A 253 26.08 24.35 5.42
C VAL A 253 25.01 23.61 6.22
N GLN A 254 24.50 22.49 5.69
CA GLN A 254 23.45 21.76 6.38
C GLN A 254 23.97 21.14 7.67
N ALA A 255 25.21 20.65 7.67
CA ALA A 255 25.74 20.01 8.87
C ALA A 255 25.86 20.99 10.03
N ALA A 256 26.33 22.21 9.75
CA ALA A 256 26.39 23.23 10.78
C ALA A 256 25.00 23.58 11.30
N LEU A 257 24.00 23.57 10.40
CA LEU A 257 22.63 23.80 10.83
C LEU A 257 22.10 22.66 11.69
N MET A 258 22.53 21.43 11.39
CA MET A 258 22.08 20.28 12.18
C MET A 258 22.55 20.39 13.63
N ASP A 259 23.80 20.81 13.83
CA ASP A 259 24.31 20.95 15.19
C ASP A 259 23.49 21.99 15.96
N ASP A 260 23.09 23.07 15.28
CA ASP A 260 22.22 24.06 15.92
C ASP A 260 20.86 23.47 16.26
N LEU A 261 20.34 22.60 15.39
CA LEU A 261 19.07 21.94 15.65
C LEU A 261 19.17 21.01 16.85
N ILE A 262 20.23 20.21 16.92
CA ILE A 262 20.39 19.26 18.01
C ILE A 262 20.57 20.01 19.32
N SER A 263 21.38 21.07 19.34
CA SER A 263 21.63 21.79 20.58
C SER A 263 20.35 22.41 21.13
N HIS A 264 19.51 22.95 20.25
CA HIS A 264 18.31 23.65 20.71
C HIS A 264 17.31 22.68 21.32
N ARG A 265 16.97 21.59 20.61
CA ARG A 265 15.97 20.67 21.13
C ARG A 265 16.46 19.93 22.36
N GLU A 266 17.76 19.61 22.41
CA GLU A 266 18.30 18.91 23.58
C GLU A 266 18.36 19.84 24.79
N SER A 267 18.52 21.15 24.57
CA SER A 267 18.46 22.10 25.68
C SER A 267 17.06 22.19 26.27
N LEU A 268 16.04 21.75 25.54
CA LEU A 268 14.68 21.69 26.02
C LEU A 268 14.32 20.32 26.59
N GLY A 269 15.23 19.36 26.53
CA GLY A 269 14.95 18.02 27.00
C GLY A 269 14.23 17.14 26.01
N VAL A 270 14.18 17.54 24.73
CA VAL A 270 13.49 16.78 23.69
C VAL A 270 14.49 15.85 23.01
N GLU A 271 14.01 14.70 22.58
CA GLU A 271 14.83 13.72 21.86
C GLU A 271 15.44 14.35 20.60
N ALA A 272 16.45 13.66 20.07
CA ALA A 272 17.13 14.11 18.86
C ALA A 272 17.73 12.92 18.12
N VAL A 273 16.99 11.81 18.06
CA VAL A 273 17.53 10.58 17.49
C VAL A 273 17.78 10.75 15.99
N ARG A 274 16.78 11.22 15.25
CA ARG A 274 16.96 11.37 13.81
C ARG A 274 17.87 12.55 13.48
N MET A 275 17.80 13.63 14.27
CA MET A 275 18.66 14.78 14.00
C MET A 275 20.12 14.43 14.20
N ARG A 276 20.44 13.69 15.26
CA ARG A 276 21.82 13.25 15.47
C ARG A 276 22.23 12.24 14.42
N GLU A 277 21.31 11.39 13.96
CA GLU A 277 21.63 10.43 12.91
CA GLU A 277 21.63 10.43 12.90
C GLU A 277 21.96 11.14 11.60
N VAL A 278 21.17 12.16 11.24
CA VAL A 278 21.43 12.90 10.01
C VAL A 278 22.75 13.64 10.10
N LYS A 279 23.05 14.22 11.26
CA LYS A 279 24.31 14.94 11.43
C LYS A 279 25.51 14.02 11.26
N GLU A 280 25.43 12.81 11.80
CA GLU A 280 26.53 11.86 11.66
C GLU A 280 26.73 11.46 10.20
N LEU A 281 25.64 11.26 9.47
CA LEU A 281 25.74 10.95 8.04
C LEU A 281 26.34 12.11 7.26
N MET A 282 25.91 13.34 7.59
CA MET A 282 26.45 14.50 6.90
C MET A 282 27.95 14.65 7.17
N ASP A 283 28.36 14.48 8.43
CA ASP A 283 29.78 14.63 8.76
C ASP A 283 30.62 13.58 8.04
N GLN A 284 30.09 12.37 7.90
CA GLN A 284 30.85 11.33 7.20
C GLN A 284 30.97 11.63 5.72
N ARG A 285 29.88 12.09 5.09
CA ARG A 285 29.92 12.42 3.67
C ARG A 285 30.84 13.60 3.41
N ILE A 286 30.88 14.57 4.33
CA ILE A 286 31.82 15.67 4.19
C ILE A 286 33.25 15.19 4.36
N ALA A 287 33.48 14.31 5.33
CA ALA A 287 34.83 13.77 5.53
C ALA A 287 35.27 12.92 4.35
N ASP A 288 34.34 12.34 3.62
CA ASP A 288 34.66 11.55 2.43
C ASP A 288 34.97 12.40 1.21
N GLY A 289 34.93 13.72 1.33
CA GLY A 289 35.26 14.60 0.22
C GLY A 289 34.09 15.03 -0.63
N HIS A 290 32.86 14.88 -0.14
CA HIS A 290 31.66 15.25 -0.89
C HIS A 290 30.88 16.33 -0.15
N GLY A 291 31.59 17.26 0.48
CA GLY A 291 30.94 18.33 1.21
C GLY A 291 30.14 19.28 0.34
N GLY A 292 30.44 19.35 -0.95
CA GLY A 292 29.70 20.20 -1.85
C GLY A 292 28.40 19.61 -2.37
N GLN A 293 28.14 18.35 -2.08
CA GLN A 293 26.91 17.70 -2.53
C GLN A 293 25.78 18.04 -1.57
N GLY A 294 24.66 17.33 -1.68
CA GLY A 294 23.49 17.66 -0.88
C GLY A 294 22.94 16.51 -0.05
N PHE A 295 21.70 16.65 0.41
CA PHE A 295 21.11 15.66 1.31
C PHE A 295 20.91 14.32 0.62
N SER A 296 20.51 14.34 -0.66
CA SER A 296 20.22 13.09 -1.36
C SER A 296 21.45 12.20 -1.46
N SER A 297 22.65 12.79 -1.41
CA SER A 297 23.88 12.00 -1.51
C SER A 297 24.11 11.13 -0.28
N LEU A 298 23.43 11.44 0.84
CA LEU A 298 23.55 10.59 2.02
C LEU A 298 23.02 9.18 1.78
N PHE A 299 22.20 9.01 0.73
CA PHE A 299 21.72 7.68 0.38
C PHE A 299 22.87 6.73 0.05
N GLU A 300 23.98 7.28 -0.44
CA GLU A 300 25.14 6.44 -0.75
C GLU A 300 25.73 5.81 0.50
N LEU A 301 25.53 6.44 1.67
CA LEU A 301 26.02 5.88 2.92
C LEU A 301 25.08 4.83 3.50
N LEU A 302 23.80 4.89 3.15
CA LEU A 302 22.82 3.94 3.66
C LEU A 302 22.75 2.68 2.81
N THR A 303 22.77 2.81 1.49
CA THR A 303 22.79 1.66 0.60
C THR A 303 23.87 1.81 -0.45
#